data_6C6H
#
_entry.id   6C6H
#
_cell.length_a   41.450
_cell.length_b   98.120
_cell.length_c   55.344
_cell.angle_alpha   90.000
_cell.angle_beta   106.180
_cell.angle_gamma   90.000
#
_symmetry.space_group_name_H-M   'P 1 21 1'
#
loop_
_entity.id
_entity.type
_entity.pdbx_description
1 polymer 'Antigen-presenting glycoprotein CD1d1'
2 polymer Beta-2-microglobulin
3 branched alpha-D-mannopyranose-(1-3)-[alpha-D-mannopyranose-(1-6)]beta-D-mannopyranose-(1-4)-2-acetamido-2-deoxy-beta-D-glucopyranose-(1-4)-[alpha-L-fucopyranose-(1-6)]2-acetamido-2-deoxy-beta-D-glucopyranose
4 non-polymer 2-acetamido-2-deoxy-beta-D-glucopyranose
5 non-polymer '(5R,6S,7S)-5,6-dihydroxy-7-(octanoylamino)-N-(3-pentylphenyl)-8-{[(2S,3R,4S,5R,6R)-3,4,5-trihydroxy-6-(hydroxymethyl)te trahydro-2H-pyran-2-yl]oxy}octanamide'
6 non-polymer 'PALMITIC ACID'
7 water water
#
loop_
_entity_poly.entity_id
_entity_poly.type
_entity_poly.pdbx_seq_one_letter_code
_entity_poly.pdbx_strand_id
1 'polypeptide(L)'
;SEAQQKNYTFRCLQMSSFANRSWSRTDSVVWLGDLQTHRWSNDSATISFTKPWSQGKLSNQQWEKLQHMFQVYRVSFTRD
IQELVKMMSPKEDYPIEIQLSAGCEMYPGNASESFLHVAFQGKYVVRFWGTSWQTVPGAPSWLDLPIKVLNADQGTSATV
QMLLNDTCPLFVRGLLEAGKSDLEKQEKPVAWLSSVPSSAHGHRQLVCHVSGFYPKPVWVMWMRGDQEQQGTHRGDFLPN
ADETWYLQATLDVEAGEEAGLACRVKHSSLGGQDIILYWHHHHHH
;
A
2 'polypeptide(L)'
;IQKTPQIQVYSRHPPENGKPNILNCYVTQFHPPHIEIQMLKNGKKIPKVEMSDMSFSKDWSFYILAHTEFTPTETDTYAC
RVKHASMAEPKTVYWDRDM
;
B
#
loop_
_chem_comp.id
_chem_comp.type
_chem_comp.name
_chem_comp.formula
BMA D-saccharide, beta linking beta-D-mannopyranose 'C6 H12 O6'
ELG non-polymer '(5R,6S,7S)-5,6-dihydroxy-7-(octanoylamino)-N-(3-pentylphenyl)-8-{[(2S,3R,4S,5R,6R)-3,4,5-trihydroxy-6-(hydroxymethyl)te trahydro-2H-pyran-2-yl]oxy}octanamide' 'C33 H56 N2 O10'
FUC L-saccharide, alpha linking alpha-L-fucopyranose 'C6 H12 O5'
MAN D-saccharide, alpha linking alpha-D-mannopyranose 'C6 H12 O6'
NAG D-saccharide, beta linking 2-acetamido-2-deoxy-beta-D-glucopyranose 'C8 H15 N O6'
PLM non-polymer 'PALMITIC ACID' 'C16 H32 O2'
#
# COMPACT_ATOMS: atom_id res chain seq x y z
N ASN A 7 -17.11 -7.47 0.12
CA ASN A 7 -16.85 -6.03 -0.16
C ASN A 7 -15.49 -5.82 -0.80
N TYR A 8 -15.50 -5.33 -2.05
CA TYR A 8 -14.28 -4.98 -2.76
C TYR A 8 -14.22 -3.47 -2.98
N THR A 9 -13.12 -2.88 -2.52
CA THR A 9 -12.86 -1.45 -2.74
C THR A 9 -11.82 -1.26 -3.85
N PHE A 10 -12.26 -0.54 -4.86
CA PHE A 10 -11.42 -0.13 -5.96
C PHE A 10 -10.93 1.28 -5.68
N ARG A 11 -9.60 1.43 -5.61
CA ARG A 11 -8.94 2.71 -5.35
C ARG A 11 -7.94 3.05 -6.45
N CYS A 12 -8.17 4.18 -7.11
CA CYS A 12 -7.16 4.81 -7.95
C CYS A 12 -6.43 5.85 -7.11
N LEU A 13 -5.13 5.67 -6.94
CA LEU A 13 -4.33 6.53 -6.06
C LEU A 13 -3.33 7.34 -6.86
N GLN A 14 -3.52 8.65 -6.88
CA GLN A 14 -2.68 9.55 -7.65
C GLN A 14 -1.80 10.38 -6.72
N MET A 15 -0.52 10.46 -7.08
CA MET A 15 0.48 11.16 -6.29
C MET A 15 1.22 12.14 -7.19
N SER A 16 1.04 13.42 -6.91
CA SER A 16 1.66 14.49 -7.67
C SER A 16 2.62 15.28 -6.80
N SER A 17 3.88 15.35 -7.23
CA SER A 17 4.91 16.14 -6.55
C SER A 17 5.28 17.31 -7.43
N PHE A 18 5.11 18.52 -6.89
CA PHE A 18 5.51 19.74 -7.58
C PHE A 18 6.70 20.32 -6.80
N ALA A 19 7.92 20.12 -7.31
CA ALA A 19 9.15 20.50 -6.60
C ALA A 19 9.46 22.00 -6.69
N ASN A 20 9.35 22.53 -7.91
CA ASN A 20 9.58 23.94 -8.22
C ASN A 20 8.80 24.23 -9.52
N ARG A 21 8.96 25.44 -10.04
CA ARG A 21 8.28 25.88 -11.27
C ARG A 21 8.54 25.02 -12.53
N SER A 22 9.67 24.31 -12.55
CA SER A 22 10.10 23.57 -13.74
C SER A 22 10.02 22.04 -13.59
N TRP A 23 9.69 21.56 -12.40
CA TRP A 23 9.72 20.14 -12.08
C TRP A 23 8.43 19.71 -11.39
N SER A 24 7.76 18.75 -12.00
CA SER A 24 6.67 18.05 -11.36
C SER A 24 6.56 16.64 -11.90
N ARG A 25 5.96 15.76 -11.12
CA ARG A 25 5.61 14.44 -11.62
C ARG A 25 4.32 13.93 -11.01
N THR A 26 3.56 13.19 -11.81
CA THR A 26 2.34 12.54 -11.37
C THR A 26 2.45 11.06 -11.64
N ASP A 27 2.28 10.26 -10.59
CA ASP A 27 2.29 8.81 -10.70
C ASP A 27 1.05 8.25 -10.05
N SER A 28 0.54 7.17 -10.61
CA SER A 28 -0.66 6.53 -10.10
C SER A 28 -0.51 5.04 -9.93
N VAL A 29 -1.22 4.52 -8.94
CA VAL A 29 -1.37 3.08 -8.73
C VAL A 29 -2.85 2.79 -8.54
N VAL A 30 -3.28 1.61 -8.96
CA VAL A 30 -4.68 1.24 -8.84
C VAL A 30 -4.77 -0.12 -8.16
N TRP A 31 -5.66 -0.22 -7.16
CA TRP A 31 -5.84 -1.41 -6.33
C TRP A 31 -7.29 -1.90 -6.41
N LEU A 32 -7.46 -3.22 -6.55
CA LEU A 32 -8.76 -3.86 -6.28
C LEU A 32 -8.60 -4.71 -5.03
N GLY A 33 -9.22 -4.27 -3.93
CA GLY A 33 -8.89 -4.79 -2.60
C GLY A 33 -7.41 -4.59 -2.32
N ASP A 34 -6.72 -5.68 -2.01
CA ASP A 34 -5.27 -5.63 -1.70
C ASP A 34 -4.38 -6.07 -2.88
N LEU A 35 -4.97 -6.18 -4.07
CA LEU A 35 -4.23 -6.54 -5.28
C LEU A 35 -4.13 -5.38 -6.25
N GLN A 36 -2.90 -5.09 -6.66
CA GLN A 36 -2.65 -4.03 -7.61
C GLN A 36 -3.06 -4.46 -9.00
N THR A 37 -3.87 -3.63 -9.66
CA THR A 37 -4.35 -3.93 -11.02
C THR A 37 -3.70 -3.04 -12.09
N HIS A 38 -3.31 -1.82 -11.72
CA HIS A 38 -2.69 -0.89 -12.68
C HIS A 38 -1.57 -0.07 -12.05
N ARG A 39 -0.71 0.42 -12.95
CA ARG A 39 0.29 1.43 -12.62
C ARG A 39 0.28 2.44 -13.74
N TRP A 40 0.44 3.72 -13.39
CA TRP A 40 0.62 4.76 -14.38
C TRP A 40 1.74 5.70 -13.98
N SER A 41 2.92 5.41 -14.53
CA SER A 41 4.10 6.20 -14.28
C SER A 41 4.01 7.52 -15.03
N ASN A 42 4.63 8.55 -14.46
CA ASN A 42 4.81 9.83 -15.14
C ASN A 42 5.47 9.66 -16.51
N ASP A 43 6.48 8.79 -16.57
CA ASP A 43 7.27 8.57 -17.78
C ASP A 43 6.53 7.84 -18.90
N SER A 44 5.39 7.23 -18.57
CA SER A 44 4.61 6.49 -19.54
C SER A 44 3.37 7.26 -20.03
N ALA A 45 3.14 7.24 -21.34
CA ALA A 45 1.96 7.86 -21.93
C ALA A 45 0.71 7.03 -21.66
N THR A 46 0.91 5.72 -21.47
CA THR A 46 -0.20 4.78 -21.30
C THR A 46 -0.25 4.13 -19.92
N ILE A 47 -1.46 3.77 -19.52
CA ILE A 47 -1.72 3.06 -18.26
C ILE A 47 -1.27 1.60 -18.40
N SER A 48 -0.38 1.18 -17.50
CA SER A 48 0.19 -0.17 -17.49
C SER A 48 -0.66 -1.16 -16.70
N PHE A 49 -0.83 -2.34 -17.27
CA PHE A 49 -1.51 -3.45 -16.62
C PHE A 49 -0.54 -4.19 -15.72
N THR A 50 -0.98 -4.51 -14.52
CA THR A 50 -0.21 -5.35 -13.60
C THR A 50 -0.94 -6.67 -13.36
N LYS A 51 -2.05 -6.90 -14.09
CA LYS A 51 -2.71 -8.20 -14.17
C LYS A 51 -3.06 -8.50 -15.63
N PRO A 52 -3.14 -9.79 -16.02
CA PRO A 52 -3.63 -10.13 -17.38
C PRO A 52 -5.08 -9.67 -17.60
N TRP A 53 -5.82 -9.48 -16.51
CA TRP A 53 -7.23 -9.06 -16.51
C TRP A 53 -7.49 -7.56 -16.16
N SER A 54 -6.46 -6.71 -16.23
CA SER A 54 -6.56 -5.29 -15.85
C SER A 54 -7.45 -4.43 -16.77
N GLN A 55 -7.80 -4.95 -17.94
CA GLN A 55 -8.74 -4.27 -18.85
C GLN A 55 -10.20 -4.56 -18.50
N GLY A 56 -10.43 -5.46 -17.55
CA GLY A 56 -11.78 -5.90 -17.19
C GLY A 56 -12.54 -6.45 -18.40
N LYS A 57 -13.83 -6.09 -18.49
CA LYS A 57 -14.72 -6.44 -19.60
C LYS A 57 -14.67 -5.42 -20.76
N LEU A 58 -13.77 -4.46 -20.69
CA LEU A 58 -13.70 -3.39 -21.69
C LEU A 58 -13.01 -3.81 -22.98
N SER A 59 -13.63 -3.47 -24.10
CA SER A 59 -13.04 -3.67 -25.43
C SER A 59 -11.83 -2.76 -25.59
N ASN A 60 -10.95 -3.13 -26.51
CA ASN A 60 -9.75 -2.34 -26.82
C ASN A 60 -10.03 -0.87 -27.11
N GLN A 61 -11.08 -0.60 -27.90
CA GLN A 61 -11.49 0.77 -28.22
C GLN A 61 -12.05 1.50 -26.98
N GLN A 62 -12.90 0.81 -26.22
CA GLN A 62 -13.46 1.35 -24.97
C GLN A 62 -12.36 1.71 -23.97
N TRP A 63 -11.36 0.84 -23.85
CA TRP A 63 -10.21 1.10 -22.99
C TRP A 63 -9.43 2.33 -23.45
N GLU A 64 -9.15 2.42 -24.76
CA GLU A 64 -8.37 3.55 -25.32
C GLU A 64 -9.03 4.90 -25.07
N LYS A 65 -10.36 4.92 -25.11
CA LYS A 65 -11.16 6.13 -24.86
C LYS A 65 -11.04 6.58 -23.42
N LEU A 66 -11.26 5.63 -22.50
CA LEU A 66 -11.13 5.88 -21.07
C LEU A 66 -9.71 6.35 -20.74
N GLN A 67 -8.71 5.63 -21.27
CA GLN A 67 -7.30 6.04 -21.16
C GLN A 67 -7.05 7.43 -21.73
N HIS A 68 -7.64 7.73 -22.90
CA HIS A 68 -7.48 9.05 -23.50
C HIS A 68 -7.97 10.16 -22.57
N MET A 69 -9.11 9.92 -21.93
CA MET A 69 -9.70 10.85 -20.98
C MET A 69 -8.78 11.09 -19.78
N PHE A 70 -8.15 10.03 -19.28
CA PHE A 70 -7.14 10.18 -18.22
C PHE A 70 -5.87 10.87 -18.71
N GLN A 71 -5.47 10.61 -19.96
CA GLN A 71 -4.33 11.30 -20.57
C GLN A 71 -4.55 12.80 -20.64
N VAL A 72 -5.73 13.21 -21.10
CA VAL A 72 -6.10 14.64 -21.13
C VAL A 72 -6.11 15.21 -19.71
N TYR A 73 -6.73 14.48 -18.78
CA TYR A 73 -6.83 14.92 -17.39
C TYR A 73 -5.47 15.18 -16.75
N ARG A 74 -4.53 14.23 -16.91
CA ARG A 74 -3.21 14.35 -16.28
C ARG A 74 -2.50 15.63 -16.71
N VAL A 75 -2.54 15.94 -18.01
CA VAL A 75 -1.96 17.17 -18.56
C VAL A 75 -2.70 18.41 -18.01
N SER A 76 -4.04 18.41 -18.07
CA SER A 76 -4.85 19.55 -17.61
C SER A 76 -4.61 19.84 -16.13
N PHE A 77 -4.62 18.77 -15.32
CA PHE A 77 -4.40 18.86 -13.86
C PHE A 77 -3.04 19.50 -13.54
N THR A 78 -1.99 19.02 -14.22
CA THR A 78 -0.63 19.54 -14.03
C THR A 78 -0.56 21.04 -14.37
N ARG A 79 -1.14 21.41 -15.50
CA ARG A 79 -1.23 22.82 -15.89
C ARG A 79 -2.03 23.65 -14.87
N ASP A 80 -3.21 23.15 -14.48
CA ASP A 80 -4.08 23.85 -13.51
C ASP A 80 -3.37 24.14 -12.20
N ILE A 81 -2.63 23.15 -11.69
CA ILE A 81 -1.89 23.34 -10.43
C ILE A 81 -0.75 24.34 -10.56
N GLN A 82 0.05 24.23 -11.62
CA GLN A 82 1.12 25.21 -11.89
C GLN A 82 0.55 26.63 -12.04
N GLU A 83 -0.55 26.76 -12.79
CA GLU A 83 -1.20 28.06 -12.93
C GLU A 83 -1.74 28.60 -11.60
N LEU A 84 -2.37 27.74 -10.81
CA LEU A 84 -2.81 28.09 -9.46
C LEU A 84 -1.68 28.60 -8.57
N VAL A 85 -0.54 27.92 -8.59
CA VAL A 85 0.63 28.29 -7.78
C VAL A 85 1.19 29.66 -8.21
N LYS A 86 1.28 29.88 -9.53
CA LYS A 86 1.69 31.17 -10.08
C LYS A 86 0.79 32.29 -9.55
N MET A 87 -0.53 32.07 -9.64
CA MET A 87 -1.52 33.04 -9.19
C MET A 87 -1.42 33.32 -7.68
N MET A 88 -1.17 32.27 -6.89
CA MET A 88 -1.12 32.40 -5.42
C MET A 88 0.21 32.94 -4.87
N SER A 89 1.27 32.88 -5.69
CA SER A 89 2.63 33.28 -5.32
C SER A 89 2.69 34.71 -4.74
N PRO A 90 3.46 34.94 -3.66
CA PRO A 90 4.31 33.93 -3.01
C PRO A 90 3.63 33.20 -1.84
N LYS A 91 2.35 33.49 -1.62
CA LYS A 91 1.59 32.99 -0.45
C LYS A 91 1.50 31.46 -0.41
N GLU A 92 1.19 30.85 -1.56
CA GLU A 92 1.29 29.41 -1.72
C GLU A 92 2.43 29.09 -2.67
N ASP A 93 3.38 28.30 -2.18
CA ASP A 93 4.64 28.08 -2.88
C ASP A 93 5.16 26.65 -2.76
N TYR A 94 6.13 26.33 -3.61
CA TYR A 94 6.78 25.02 -3.69
C TYR A 94 7.63 24.68 -2.44
N PRO A 95 7.86 23.39 -2.12
CA PRO A 95 7.32 22.22 -2.83
C PRO A 95 5.89 21.86 -2.42
N ILE A 96 5.20 21.16 -3.31
CA ILE A 96 3.78 20.85 -3.12
C ILE A 96 3.51 19.36 -3.41
N GLU A 97 2.80 18.70 -2.50
CA GLU A 97 2.36 17.33 -2.71
C GLU A 97 0.84 17.28 -2.74
N ILE A 98 0.30 16.81 -3.88
CA ILE A 98 -1.13 16.58 -4.02
C ILE A 98 -1.39 15.09 -4.22
N GLN A 99 -2.36 14.57 -3.47
CA GLN A 99 -2.79 13.17 -3.59
C GLN A 99 -4.29 13.10 -3.85
N LEU A 100 -4.67 12.22 -4.77
CA LEU A 100 -6.08 11.91 -5.02
C LEU A 100 -6.38 10.46 -4.75
N SER A 101 -7.49 10.20 -4.07
CA SER A 101 -7.96 8.85 -3.86
C SER A 101 -9.39 8.79 -4.33
N ALA A 102 -9.61 8.02 -5.40
CA ALA A 102 -10.89 7.95 -6.09
C ALA A 102 -11.22 6.52 -6.51
N GLY A 103 -12.50 6.21 -6.46
CA GLY A 103 -12.96 4.89 -6.87
C GLY A 103 -14.28 4.54 -6.26
N CYS A 104 -14.51 3.25 -6.06
CA CYS A 104 -15.80 2.78 -5.60
C CYS A 104 -15.66 1.52 -4.76
N GLU A 105 -16.55 1.40 -3.78
CA GLU A 105 -16.64 0.25 -2.90
C GLU A 105 -17.88 -0.56 -3.31
N MET A 106 -17.64 -1.80 -3.72
CA MET A 106 -18.70 -2.70 -4.20
C MET A 106 -19.31 -3.50 -3.04
N TYR A 107 -20.63 -3.43 -2.92
CA TYR A 107 -21.37 -4.09 -1.84
C TYR A 107 -22.07 -5.38 -2.33
N PRO A 108 -22.40 -6.31 -1.40
CA PRO A 108 -23.00 -7.59 -1.85
C PRO A 108 -24.36 -7.43 -2.53
N GLY A 109 -24.43 -7.91 -3.78
CA GLY A 109 -25.63 -7.84 -4.61
C GLY A 109 -25.95 -6.42 -5.04
N ASN A 110 -26.47 -5.65 -4.07
CA ASN A 110 -26.72 -4.21 -4.20
C ASN A 110 -25.46 -3.45 -4.63
N ALA A 111 -25.67 -2.37 -5.40
CA ALA A 111 -24.63 -1.65 -6.14
C ALA A 111 -23.38 -1.18 -5.35
N SER A 112 -23.23 0.13 -5.15
CA SER A 112 -21.96 0.72 -4.72
C SER A 112 -22.04 2.16 -4.22
N GLU A 113 -21.03 2.55 -3.48
CA GLU A 113 -20.74 3.95 -3.15
C GLU A 113 -19.43 4.33 -3.83
N SER A 114 -19.34 5.58 -4.30
CA SER A 114 -18.11 6.09 -4.89
C SER A 114 -17.52 7.26 -4.10
N PHE A 115 -16.24 7.53 -4.31
CA PHE A 115 -15.54 8.56 -3.54
C PHE A 115 -14.48 9.20 -4.39
N LEU A 116 -14.18 10.47 -4.10
CA LEU A 116 -13.06 11.16 -4.70
C LEU A 116 -12.56 12.14 -3.64
N HIS A 117 -11.44 11.79 -3.01
CA HIS A 117 -10.82 12.60 -1.97
C HIS A 117 -9.47 13.16 -2.44
N VAL A 118 -9.20 14.42 -2.08
CA VAL A 118 -7.96 15.10 -2.47
C VAL A 118 -7.27 15.61 -1.21
N ALA A 119 -5.97 15.34 -1.13
CA ALA A 119 -5.11 15.85 -0.07
C ALA A 119 -4.03 16.78 -0.61
N PHE A 120 -3.71 17.79 0.18
CA PHE A 120 -2.70 18.78 -0.12
C PHE A 120 -1.74 18.80 1.08
N GLN A 121 -0.45 18.59 0.79
CA GLN A 121 0.61 18.52 1.81
C GLN A 121 0.26 17.49 2.90
N GLY A 122 -0.30 16.36 2.46
CA GLY A 122 -0.61 15.23 3.33
C GLY A 122 -1.90 15.35 4.13
N LYS A 123 -2.69 16.38 3.88
CA LYS A 123 -3.95 16.61 4.61
C LYS A 123 -5.13 16.65 3.66
N TYR A 124 -6.17 15.90 4.00
CA TYR A 124 -7.44 15.88 3.27
C TYR A 124 -8.07 17.27 3.22
N VAL A 125 -8.36 17.77 2.01
CA VAL A 125 -8.86 19.14 1.84
C VAL A 125 -10.11 19.30 0.97
N VAL A 126 -10.28 18.39 -0.01
CA VAL A 126 -11.28 18.56 -1.06
C VAL A 126 -11.86 17.18 -1.39
N ARG A 127 -13.17 17.13 -1.60
CA ARG A 127 -13.82 15.95 -2.14
C ARG A 127 -14.76 16.34 -3.28
N PHE A 128 -15.07 15.39 -4.16
CA PHE A 128 -16.23 15.52 -5.02
C PHE A 128 -17.39 14.77 -4.36
N TRP A 129 -18.56 15.40 -4.31
CA TRP A 129 -19.74 14.82 -3.65
C TRP A 129 -21.00 15.36 -4.30
N GLY A 130 -21.87 14.45 -4.72
CA GLY A 130 -23.13 14.85 -5.35
C GLY A 130 -22.85 15.31 -6.77
N THR A 131 -22.95 16.63 -6.97
CA THR A 131 -22.76 17.27 -8.26
C THR A 131 -21.60 18.28 -8.30
N SER A 132 -20.90 18.45 -7.19
CA SER A 132 -19.85 19.46 -7.11
C SER A 132 -18.64 19.04 -6.27
N TRP A 133 -17.52 19.72 -6.55
CA TRP A 133 -16.34 19.71 -5.70
C TRP A 133 -16.60 20.56 -4.46
N GLN A 134 -15.99 20.20 -3.34
CA GLN A 134 -16.15 20.99 -2.13
C GLN A 134 -14.91 20.89 -1.28
N THR A 135 -14.58 22.00 -0.62
CA THR A 135 -13.60 21.97 0.45
C THR A 135 -14.27 21.30 1.65
N VAL A 136 -13.48 20.63 2.46
CA VAL A 136 -13.96 19.97 3.67
C VAL A 136 -13.74 20.94 4.84
N PRO A 137 -14.50 20.76 5.95
CA PRO A 137 -14.31 21.71 7.08
C PRO A 137 -12.86 21.69 7.60
N GLY A 138 -12.28 22.87 7.73
CA GLY A 138 -10.91 22.99 8.20
C GLY A 138 -9.89 23.22 7.07
N ALA A 139 -10.30 23.01 5.82
CA ALA A 139 -9.40 23.21 4.67
C ALA A 139 -8.97 24.68 4.58
N PRO A 140 -7.74 24.95 4.07
CA PRO A 140 -7.33 26.35 3.97
C PRO A 140 -8.26 27.16 3.07
N SER A 141 -8.66 28.33 3.56
CA SER A 141 -9.68 29.12 2.91
C SER A 141 -9.28 29.62 1.53
N TRP A 142 -7.97 29.71 1.25
CA TRP A 142 -7.51 30.06 -0.11
C TRP A 142 -7.95 29.05 -1.17
N LEU A 143 -8.38 27.86 -0.76
CA LEU A 143 -8.91 26.87 -1.70
C LEU A 143 -10.33 27.17 -2.19
N ASP A 144 -11.08 28.01 -1.47
CA ASP A 144 -12.51 28.22 -1.75
C ASP A 144 -12.76 28.80 -3.14
N LEU A 145 -11.97 29.81 -3.49
CA LEU A 145 -12.04 30.46 -4.79
C LEU A 145 -11.74 29.51 -5.97
N PRO A 146 -10.57 28.82 -5.96
CA PRO A 146 -10.35 27.88 -7.09
C PRO A 146 -11.37 26.73 -7.21
N ILE A 147 -11.93 26.28 -6.10
CA ILE A 147 -12.97 25.24 -6.11
C ILE A 147 -14.28 25.79 -6.70
N LYS A 148 -14.68 26.99 -6.28
CA LYS A 148 -15.82 27.70 -6.91
C LYS A 148 -15.66 27.81 -8.44
N VAL A 149 -14.46 28.16 -8.89
CA VAL A 149 -14.12 28.23 -10.31
C VAL A 149 -14.24 26.84 -10.98
N LEU A 150 -13.61 25.84 -10.39
CA LEU A 150 -13.73 24.46 -10.89
C LEU A 150 -15.20 24.01 -11.03
N ASN A 151 -16.01 24.32 -10.02
CA ASN A 151 -17.45 24.00 -10.02
C ASN A 151 -18.26 24.67 -11.15
N ALA A 152 -17.75 25.80 -11.64
CA ALA A 152 -18.38 26.49 -12.77
C ALA A 152 -18.21 25.69 -14.08
N ASP A 153 -17.23 24.78 -14.11
CA ASP A 153 -16.99 23.94 -15.27
C ASP A 153 -17.94 22.72 -15.28
N GLN A 154 -19.09 22.93 -15.93
CA GLN A 154 -20.17 21.95 -16.02
C GLN A 154 -19.77 20.63 -16.67
N GLY A 155 -19.01 20.71 -17.77
CA GLY A 155 -18.54 19.55 -18.52
C GLY A 155 -17.64 18.65 -17.70
N THR A 156 -16.77 19.25 -16.90
CA THR A 156 -15.91 18.49 -15.98
C THR A 156 -16.75 17.84 -14.89
N SER A 157 -17.67 18.59 -14.31
CA SER A 157 -18.58 18.08 -13.29
C SER A 157 -19.42 16.90 -13.80
N ALA A 158 -19.95 17.01 -15.03
CA ALA A 158 -20.70 15.92 -15.67
C ALA A 158 -19.84 14.67 -15.88
N THR A 159 -18.62 14.87 -16.38
CA THR A 159 -17.66 13.77 -16.60
C THR A 159 -17.33 13.05 -15.28
N VAL A 160 -17.05 13.83 -14.23
CA VAL A 160 -16.69 13.29 -12.92
C VAL A 160 -17.86 12.49 -12.34
N GLN A 161 -19.08 13.07 -12.42
CA GLN A 161 -20.30 12.39 -11.98
C GLN A 161 -20.51 11.06 -12.69
N MET A 162 -20.25 11.04 -14.01
CA MET A 162 -20.33 9.82 -14.83
C MET A 162 -19.28 8.80 -14.36
N LEU A 163 -18.03 9.22 -14.23
CA LEU A 163 -16.95 8.30 -13.84
C LEU A 163 -17.24 7.64 -12.48
N LEU A 164 -17.60 8.47 -11.50
CA LEU A 164 -17.90 7.99 -10.17
C LEU A 164 -19.16 7.13 -10.08
N ASN A 165 -20.29 7.64 -10.58
CA ASN A 165 -21.58 6.96 -10.41
C ASN A 165 -21.74 5.75 -11.32
N ASP A 166 -21.18 5.81 -12.52
CA ASP A 166 -21.46 4.81 -13.55
C ASP A 166 -20.25 4.03 -14.00
N THR A 167 -19.22 4.73 -14.48
CA THR A 167 -18.02 4.09 -15.02
C THR A 167 -17.36 3.19 -13.98
N CYS A 168 -17.22 3.68 -12.75
CA CYS A 168 -16.48 2.96 -11.71
C CYS A 168 -17.11 1.61 -11.39
N PRO A 169 -18.41 1.57 -10.99
CA PRO A 169 -18.97 0.25 -10.64
C PRO A 169 -19.08 -0.73 -11.81
N LEU A 170 -19.32 -0.21 -13.02
CA LEU A 170 -19.35 -1.04 -14.23
C LEU A 170 -18.00 -1.65 -14.57
N PHE A 171 -16.94 -0.84 -14.59
CA PHE A 171 -15.57 -1.32 -14.84
C PHE A 171 -15.14 -2.37 -13.80
N VAL A 172 -15.52 -2.15 -12.55
CA VAL A 172 -15.16 -3.03 -11.43
C VAL A 172 -15.91 -4.36 -11.48
N ARG A 173 -17.19 -4.33 -11.86
CA ARG A 173 -17.93 -5.58 -12.08
C ARG A 173 -17.28 -6.43 -13.19
N GLY A 174 -16.74 -5.76 -14.20
CA GLY A 174 -15.92 -6.39 -15.23
C GLY A 174 -14.61 -7.00 -14.72
N LEU A 175 -13.94 -6.28 -13.80
CA LEU A 175 -12.70 -6.74 -13.16
C LEU A 175 -12.90 -7.95 -12.28
N LEU A 176 -13.96 -7.94 -11.47
CA LEU A 176 -14.33 -9.06 -10.62
C LEU A 176 -14.57 -10.36 -11.41
N GLU A 177 -15.26 -10.25 -12.54
CA GLU A 177 -15.46 -11.39 -13.45
C GLU A 177 -14.16 -11.85 -14.09
N ALA A 178 -13.44 -10.92 -14.71
CA ALA A 178 -12.23 -11.23 -15.44
C ALA A 178 -11.07 -11.72 -14.54
N GLY A 179 -11.05 -11.24 -13.29
CA GLY A 179 -9.98 -11.54 -12.34
C GLY A 179 -10.31 -12.55 -11.27
N LYS A 180 -11.44 -13.24 -11.47
CA LYS A 180 -12.01 -14.15 -10.48
C LYS A 180 -11.00 -15.13 -9.88
N SER A 181 -10.27 -15.86 -10.73
CA SER A 181 -9.31 -16.87 -10.24
C SER A 181 -8.17 -16.27 -9.40
N ASP A 182 -7.70 -15.08 -9.78
CA ASP A 182 -6.73 -14.34 -8.98
C ASP A 182 -7.30 -13.81 -7.67
N LEU A 183 -8.50 -13.23 -7.73
CA LEU A 183 -9.14 -12.63 -6.57
C LEU A 183 -9.51 -13.66 -5.53
N GLU A 184 -9.85 -14.86 -5.98
CA GLU A 184 -10.26 -15.95 -5.10
C GLU A 184 -9.14 -16.95 -4.83
N LYS A 185 -7.91 -16.56 -5.19
CA LYS A 185 -6.74 -17.42 -4.95
C LYS A 185 -6.55 -17.75 -3.45
N GLN A 186 -6.04 -18.96 -3.19
CA GLN A 186 -5.74 -19.42 -1.84
C GLN A 186 -4.25 -19.78 -1.76
N GLU A 187 -3.54 -19.13 -0.84
CA GLU A 187 -2.11 -19.40 -0.64
C GLU A 187 -1.89 -19.76 0.81
N LYS A 188 -1.21 -20.88 1.04
CA LYS A 188 -1.03 -21.43 2.38
C LYS A 188 0.07 -20.73 3.18
N PRO A 189 -0.21 -20.38 4.44
CA PRO A 189 0.81 -19.82 5.29
C PRO A 189 1.87 -20.87 5.64
N VAL A 190 3.09 -20.41 5.88
CA VAL A 190 4.13 -21.24 6.49
C VAL A 190 4.43 -20.53 7.81
N ALA A 191 4.68 -21.29 8.87
CA ALA A 191 4.92 -20.71 10.19
C ALA A 191 6.26 -21.14 10.79
N TRP A 192 6.82 -20.32 11.66
CA TRP A 192 8.04 -20.68 12.39
C TRP A 192 8.12 -19.93 13.70
N LEU A 193 8.81 -20.51 14.68
CA LEU A 193 8.92 -19.90 16.01
C LEU A 193 10.30 -19.35 16.32
N SER A 194 10.33 -18.30 17.15
CA SER A 194 11.57 -17.73 17.68
C SER A 194 11.27 -17.00 18.99
N SER A 195 12.32 -16.57 19.68
CA SER A 195 12.18 -15.68 20.83
C SER A 195 13.26 -14.60 20.84
N GLY A 202 15.06 -13.83 33.45
CA GLY A 202 14.37 -14.79 32.60
C GLY A 202 12.94 -14.39 32.28
N HIS A 203 12.78 -13.59 31.23
CA HIS A 203 11.46 -13.18 30.73
C HIS A 203 11.50 -13.05 29.20
N ARG A 204 11.09 -14.14 28.54
CA ARG A 204 11.16 -14.27 27.07
C ARG A 204 9.91 -13.76 26.35
N GLN A 205 10.13 -13.11 25.21
CA GLN A 205 9.06 -12.80 24.27
C GLN A 205 9.08 -13.86 23.16
N LEU A 206 8.07 -14.72 23.16
CA LEU A 206 7.93 -15.77 22.14
C LEU A 206 7.24 -15.24 20.90
N VAL A 207 7.78 -15.57 19.72
CA VAL A 207 7.30 -15.00 18.45
C VAL A 207 6.90 -16.11 17.47
N CYS A 208 5.64 -16.06 17.06
CA CYS A 208 5.14 -16.95 16.03
C CYS A 208 5.03 -16.18 14.71
N HIS A 209 5.80 -16.59 13.70
CA HIS A 209 5.86 -15.93 12.40
C HIS A 209 4.99 -16.71 11.43
N VAL A 210 4.14 -16.01 10.68
CA VAL A 210 3.23 -16.64 9.73
C VAL A 210 3.33 -15.89 8.40
N SER A 211 3.77 -16.57 7.35
CA SER A 211 4.07 -15.90 6.09
C SER A 211 3.60 -16.67 4.87
N GLY A 212 3.14 -15.92 3.87
CA GLY A 212 2.74 -16.49 2.58
C GLY A 212 1.27 -16.81 2.42
N PHE A 213 0.44 -16.30 3.35
CA PHE A 213 -0.99 -16.56 3.29
C PHE A 213 -1.72 -15.53 2.41
N TYR A 214 -2.76 -16.00 1.74
CA TYR A 214 -3.70 -15.18 0.97
C TYR A 214 -5.00 -15.98 0.87
N PRO A 215 -6.19 -15.38 1.09
CA PRO A 215 -6.39 -13.94 1.37
C PRO A 215 -6.06 -13.52 2.79
N LYS A 216 -6.23 -12.23 3.07
CA LYS A 216 -5.80 -11.62 4.31
C LYS A 216 -6.35 -12.23 5.63
N PRO A 217 -7.67 -12.56 5.69
CA PRO A 217 -8.18 -13.05 6.99
C PRO A 217 -7.44 -14.32 7.46
N VAL A 218 -7.07 -14.33 8.73
CA VAL A 218 -6.25 -15.40 9.30
C VAL A 218 -6.46 -15.35 10.79
N TRP A 219 -6.18 -16.47 11.47
CA TRP A 219 -6.25 -16.54 12.91
C TRP A 219 -4.96 -17.15 13.45
N VAL A 220 -4.27 -16.41 14.32
CA VAL A 220 -3.00 -16.87 14.87
C VAL A 220 -3.01 -16.67 16.38
N MET A 221 -2.78 -17.75 17.12
CA MET A 221 -2.90 -17.75 18.57
C MET A 221 -1.86 -18.63 19.23
N TRP A 222 -1.32 -18.12 20.34
CA TRP A 222 -0.56 -18.97 21.23
C TRP A 222 -1.53 -19.76 22.11
N MET A 223 -1.23 -21.05 22.26
CA MET A 223 -2.09 -22.02 22.96
C MET A 223 -1.30 -22.79 24.01
N ARG A 224 -1.96 -23.15 25.11
CA ARG A 224 -1.46 -24.22 25.97
C ARG A 224 -2.53 -25.30 25.98
N GLY A 225 -2.30 -26.36 25.21
CA GLY A 225 -3.34 -27.33 24.90
C GLY A 225 -4.47 -26.63 24.16
N ASP A 226 -5.68 -26.78 24.71
CA ASP A 226 -6.88 -26.18 24.11
C ASP A 226 -7.18 -24.75 24.55
N GLN A 227 -6.40 -24.24 25.51
CA GLN A 227 -6.60 -22.90 26.05
C GLN A 227 -5.86 -21.82 25.25
N GLU A 228 -6.64 -20.89 24.70
CA GLU A 228 -6.11 -19.67 24.09
C GLU A 228 -5.41 -18.82 25.15
N GLN A 229 -4.21 -18.37 24.84
CA GLN A 229 -3.47 -17.45 25.71
C GLN A 229 -3.81 -16.04 25.28
N GLN A 230 -4.55 -15.33 26.12
CA GLN A 230 -5.04 -13.99 25.78
C GLN A 230 -3.97 -12.90 25.80
N GLY A 231 -2.81 -13.20 26.37
CA GLY A 231 -1.64 -12.33 26.27
C GLY A 231 -1.03 -12.21 24.87
N THR A 232 -1.54 -13.01 23.92
CA THR A 232 -1.11 -12.99 22.51
C THR A 232 -1.32 -11.59 21.91
N HIS A 233 -0.22 -10.94 21.52
CA HIS A 233 -0.28 -9.66 20.81
C HIS A 233 -0.03 -9.91 19.33
N ARG A 234 -1.03 -9.61 18.51
CA ARG A 234 -0.91 -9.72 17.07
C ARG A 234 -0.24 -8.48 16.49
N GLY A 235 0.77 -8.68 15.64
CA GLY A 235 1.49 -7.59 14.98
C GLY A 235 0.68 -6.96 13.86
N ASP A 236 1.31 -6.09 13.09
CA ASP A 236 0.66 -5.54 11.89
C ASP A 236 0.75 -6.56 10.76
N PHE A 237 -0.22 -6.52 9.86
CA PHE A 237 -0.14 -7.28 8.61
C PHE A 237 0.87 -6.60 7.69
N LEU A 238 1.88 -7.35 7.29
CA LEU A 238 2.97 -6.86 6.46
C LEU A 238 2.95 -7.56 5.09
N PRO A 239 3.11 -6.78 3.99
CA PRO A 239 3.04 -7.43 2.69
C PRO A 239 4.34 -8.15 2.32
N ASN A 240 4.20 -9.33 1.74
CA ASN A 240 5.30 -9.95 1.02
C ASN A 240 5.25 -9.40 -0.40
N ALA A 241 6.33 -9.58 -1.14
CA ALA A 241 6.44 -9.06 -2.51
C ALA A 241 5.66 -9.89 -3.56
N ASP A 242 5.17 -11.05 -3.14
CA ASP A 242 4.50 -12.00 -4.04
C ASP A 242 2.96 -12.05 -3.83
N GLU A 243 2.38 -10.90 -3.46
CA GLU A 243 0.95 -10.76 -3.17
C GLU A 243 0.45 -11.79 -2.14
N THR A 244 1.23 -11.95 -1.07
CA THR A 244 0.84 -12.73 0.09
C THR A 244 1.16 -11.90 1.32
N TRP A 245 0.67 -12.36 2.46
CA TRP A 245 0.74 -11.62 3.69
C TRP A 245 1.70 -12.22 4.70
N TYR A 246 2.16 -11.37 5.60
CA TYR A 246 3.04 -11.77 6.69
C TYR A 246 2.45 -11.22 7.96
N LEU A 247 2.41 -12.07 8.98
CA LEU A 247 1.96 -11.66 10.30
C LEU A 247 2.77 -12.36 11.39
N GLN A 248 3.04 -11.66 12.47
CA GLN A 248 3.52 -12.33 13.66
C GLN A 248 2.61 -12.13 14.87
N ALA A 249 2.59 -13.12 15.74
CA ALA A 249 1.89 -13.03 17.01
C ALA A 249 2.89 -13.36 18.13
N THR A 250 2.98 -12.46 19.10
CA THR A 250 3.94 -12.61 20.20
C THR A 250 3.22 -12.87 21.51
N LEU A 251 3.88 -13.63 22.39
CA LEU A 251 3.40 -13.88 23.75
C LEU A 251 4.55 -13.69 24.76
N ASP A 252 4.33 -12.79 25.72
CA ASP A 252 5.29 -12.54 26.80
C ASP A 252 5.14 -13.59 27.89
N VAL A 253 6.20 -14.39 28.07
CA VAL A 253 6.25 -15.46 29.07
C VAL A 253 7.45 -15.33 30.01
N GLU A 254 7.34 -15.96 31.19
CA GLU A 254 8.49 -16.14 32.07
C GLU A 254 9.25 -17.41 31.71
N ALA A 255 10.54 -17.44 32.06
CA ALA A 255 11.41 -18.59 31.79
C ALA A 255 10.93 -19.87 32.47
N GLY A 256 11.14 -21.01 31.81
CA GLY A 256 10.71 -22.32 32.29
C GLY A 256 9.19 -22.54 32.27
N GLU A 257 8.49 -21.72 31.48
CA GLU A 257 7.04 -21.83 31.32
C GLU A 257 6.72 -22.08 29.85
N GLU A 258 7.77 -22.09 29.03
CA GLU A 258 7.68 -22.23 27.57
C GLU A 258 7.20 -23.60 27.12
N ALA A 259 7.49 -24.62 27.93
CA ALA A 259 7.10 -26.00 27.62
C ALA A 259 5.58 -26.14 27.62
N GLY A 260 5.06 -26.88 26.65
CA GLY A 260 3.63 -27.06 26.49
C GLY A 260 2.92 -25.98 25.66
N LEU A 261 3.62 -24.88 25.35
CA LEU A 261 3.06 -23.85 24.48
C LEU A 261 3.16 -24.21 23.01
N ALA A 262 2.21 -23.70 22.24
CA ALA A 262 2.16 -23.93 20.81
C ALA A 262 1.60 -22.72 20.11
N CYS A 263 2.01 -22.52 18.86
CA CYS A 263 1.35 -21.57 18.00
C CYS A 263 0.41 -22.31 17.05
N ARG A 264 -0.84 -21.86 17.02
CA ARG A 264 -1.87 -22.43 16.15
C ARG A 264 -2.30 -21.40 15.10
N VAL A 265 -2.38 -21.85 13.85
CA VAL A 265 -2.76 -21.00 12.73
C VAL A 265 -3.96 -21.62 12.03
N LYS A 266 -5.00 -20.81 11.83
CA LYS A 266 -6.15 -21.21 11.03
C LYS A 266 -6.17 -20.26 9.84
N HIS A 267 -6.42 -20.83 8.66
CA HIS A 267 -6.52 -20.08 7.43
C HIS A 267 -7.35 -20.85 6.40
N SER A 268 -8.13 -20.10 5.62
CA SER A 268 -9.00 -20.66 4.58
C SER A 268 -8.31 -21.67 3.64
N SER A 269 -7.05 -21.41 3.31
CA SER A 269 -6.26 -22.23 2.37
C SER A 269 -5.92 -23.64 2.87
N LEU A 270 -6.04 -23.85 4.19
CA LEU A 270 -5.57 -25.08 4.83
C LEU A 270 -6.60 -26.22 4.88
N GLY A 271 -7.84 -25.90 4.49
CA GLY A 271 -8.93 -26.88 4.41
C GLY A 271 -9.28 -27.57 5.71
N GLY A 272 -9.27 -26.82 6.82
CA GLY A 272 -9.61 -27.35 8.15
C GLY A 272 -8.46 -28.04 8.88
N GLN A 273 -7.29 -28.06 8.24
CA GLN A 273 -6.09 -28.64 8.81
C GLN A 273 -5.12 -27.54 9.29
N ASP A 274 -5.34 -27.08 10.52
CA ASP A 274 -4.53 -26.04 11.13
C ASP A 274 -3.04 -26.36 11.17
N ILE A 275 -2.22 -25.32 11.21
CA ILE A 275 -0.81 -25.47 11.56
C ILE A 275 -0.74 -25.44 13.08
N ILE A 276 -0.06 -26.42 13.67
CA ILE A 276 0.24 -26.40 15.10
C ILE A 276 1.74 -26.57 15.26
N LEU A 277 2.38 -25.57 15.86
CA LEU A 277 3.80 -25.63 16.11
C LEU A 277 4.08 -25.56 17.59
N TYR A 278 4.66 -26.64 18.10
CA TYR A 278 4.96 -26.77 19.53
C TYR A 278 6.33 -26.20 19.81
N TRP A 279 6.41 -25.32 20.80
CA TRP A 279 7.70 -24.77 21.27
C TRP A 279 8.55 -25.89 21.89
N GLN B 2 5.24 16.84 7.88
CA GLN B 2 6.39 15.93 7.61
C GLN B 2 6.41 14.77 8.61
N LYS B 3 6.41 13.53 8.09
CA LYS B 3 6.33 12.32 8.93
C LYS B 3 7.51 11.35 8.71
N THR B 4 8.01 10.82 9.83
CA THR B 4 9.17 9.92 9.89
C THR B 4 8.83 8.50 9.40
N PRO B 5 9.67 7.93 8.51
CA PRO B 5 9.44 6.55 8.05
C PRO B 5 9.70 5.50 9.13
N GLN B 6 8.76 4.56 9.25
CA GLN B 6 8.92 3.35 10.05
C GLN B 6 9.43 2.24 9.15
N ILE B 7 10.36 1.44 9.67
CA ILE B 7 11.05 0.42 8.88
C ILE B 7 10.84 -0.93 9.54
N GLN B 8 10.41 -1.92 8.76
CA GLN B 8 10.24 -3.27 9.27
C GLN B 8 10.94 -4.23 8.33
N VAL B 9 11.76 -5.11 8.92
CA VAL B 9 12.59 -6.03 8.16
C VAL B 9 12.25 -7.47 8.57
N TYR B 10 11.86 -8.28 7.59
CA TYR B 10 11.34 -9.62 7.82
C TYR B 10 11.60 -10.49 6.59
N SER B 11 11.67 -11.79 6.78
CA SER B 11 11.95 -12.70 5.68
C SER B 11 10.66 -13.34 5.13
N ARG B 12 10.68 -13.72 3.85
CA ARG B 12 9.53 -14.32 3.19
C ARG B 12 9.28 -15.76 3.66
N HIS B 13 10.37 -16.51 3.85
CA HIS B 13 10.32 -17.91 4.29
C HIS B 13 11.07 -18.06 5.63
N PRO B 14 10.88 -19.19 6.37
CA PRO B 14 11.67 -19.38 7.61
C PRO B 14 13.19 -19.19 7.37
N PRO B 15 13.86 -18.35 8.18
CA PRO B 15 15.29 -18.13 7.95
C PRO B 15 16.14 -19.35 8.34
N GLU B 16 16.53 -20.13 7.34
CA GLU B 16 17.40 -21.28 7.55
C GLU B 16 18.76 -21.01 6.94
N ASN B 17 19.81 -21.20 7.75
CA ASN B 17 21.18 -20.92 7.33
C ASN B 17 21.54 -21.75 6.09
N GLY B 18 22.06 -21.05 5.07
CA GLY B 18 22.44 -21.70 3.82
C GLY B 18 21.35 -21.92 2.77
N LYS B 19 20.10 -21.57 3.09
CA LYS B 19 18.99 -21.71 2.15
C LYS B 19 18.58 -20.35 1.60
N PRO B 20 18.58 -20.19 0.26
CA PRO B 20 18.09 -18.96 -0.38
C PRO B 20 16.69 -18.58 0.08
N ASN B 21 16.51 -17.30 0.33
CA ASN B 21 15.27 -16.78 0.92
C ASN B 21 15.07 -15.37 0.31
N ILE B 22 14.04 -14.67 0.75
CA ILE B 22 13.83 -13.28 0.34
C ILE B 22 13.71 -12.43 1.60
N LEU B 23 14.46 -11.34 1.66
CA LEU B 23 14.35 -10.40 2.76
C LEU B 23 13.55 -9.18 2.34
N ASN B 24 12.59 -8.80 3.18
CA ASN B 24 11.72 -7.66 2.91
C ASN B 24 12.07 -6.48 3.80
N CYS B 25 11.98 -5.29 3.22
CA CYS B 25 12.05 -4.06 3.98
C CYS B 25 10.82 -3.21 3.67
N TYR B 26 9.94 -3.09 4.65
CA TYR B 26 8.67 -2.41 4.50
C TYR B 26 8.79 -1.08 5.20
N VAL B 27 8.67 0.00 4.42
CA VAL B 27 8.87 1.36 4.90
C VAL B 27 7.53 2.09 4.82
N THR B 28 7.07 2.60 5.95
CA THR B 28 5.71 3.14 6.07
C THR B 28 5.66 4.49 6.79
N GLN B 29 4.50 5.14 6.70
CA GLN B 29 4.13 6.32 7.49
C GLN B 29 5.01 7.56 7.28
N PHE B 30 5.56 7.70 6.08
CA PHE B 30 6.38 8.85 5.73
C PHE B 30 5.65 9.85 4.82
N HIS B 31 6.05 11.12 4.99
CA HIS B 31 5.68 12.23 4.13
C HIS B 31 6.83 13.25 4.28
N PRO B 32 7.35 13.84 3.19
CA PRO B 32 6.89 13.67 1.80
C PRO B 32 7.35 12.36 1.13
N PRO B 33 6.83 12.03 -0.08
CA PRO B 33 7.12 10.72 -0.69
C PRO B 33 8.56 10.48 -1.18
N HIS B 34 9.34 11.54 -1.43
CA HIS B 34 10.74 11.37 -1.82
C HIS B 34 11.49 10.65 -0.70
N ILE B 35 12.10 9.52 -1.05
CA ILE B 35 12.76 8.66 -0.08
C ILE B 35 13.86 7.85 -0.75
N GLU B 36 14.91 7.55 0.01
CA GLU B 36 16.00 6.71 -0.46
C GLU B 36 16.13 5.49 0.45
N ILE B 37 16.08 4.31 -0.16
CA ILE B 37 16.06 3.04 0.57
C ILE B 37 17.11 2.12 0.00
N GLN B 38 18.02 1.68 0.88
CA GLN B 38 19.03 0.68 0.55
C GLN B 38 18.90 -0.52 1.46
N MET B 39 19.18 -1.70 0.93
CA MET B 39 19.35 -2.88 1.75
C MET B 39 20.82 -3.26 1.80
N LEU B 40 21.28 -3.69 2.98
CA LEU B 40 22.71 -3.88 3.27
C LEU B 40 23.04 -5.30 3.66
N LYS B 41 24.11 -5.84 3.08
CA LYS B 41 24.73 -7.06 3.55
C LYS B 41 26.10 -6.69 4.15
N ASN B 42 26.27 -6.96 5.45
CA ASN B 42 27.50 -6.61 6.19
C ASN B 42 27.86 -5.13 6.01
N GLY B 43 26.86 -4.25 6.09
CA GLY B 43 27.07 -2.80 6.01
C GLY B 43 27.25 -2.22 4.61
N LYS B 44 27.31 -3.09 3.60
CA LYS B 44 27.49 -2.72 2.20
C LYS B 44 26.17 -2.87 1.43
N LYS B 45 25.90 -1.90 0.55
CA LYS B 45 24.70 -1.88 -0.29
C LYS B 45 24.59 -3.11 -1.19
N ILE B 46 23.43 -3.75 -1.15
CA ILE B 46 23.08 -4.85 -2.04
C ILE B 46 22.61 -4.27 -3.38
N PRO B 47 23.22 -4.69 -4.51
CA PRO B 47 22.94 -4.03 -5.80
C PRO B 47 21.54 -4.25 -6.39
N LYS B 48 20.98 -5.45 -6.28
CA LYS B 48 19.81 -5.83 -7.09
C LYS B 48 18.42 -5.61 -6.47
N VAL B 49 18.32 -4.74 -5.46
CA VAL B 49 17.10 -4.60 -4.66
C VAL B 49 15.90 -4.12 -5.48
N GLU B 50 14.82 -4.92 -5.47
CA GLU B 50 13.58 -4.64 -6.18
C GLU B 50 12.63 -3.81 -5.31
N MET B 51 11.87 -2.95 -5.96
CA MET B 51 11.01 -2.02 -5.25
C MET B 51 9.57 -2.12 -5.77
N SER B 52 8.61 -2.12 -4.85
CA SER B 52 7.20 -1.99 -5.24
C SER B 52 6.97 -0.54 -5.70
N ASP B 53 5.86 -0.29 -6.42
CA ASP B 53 5.45 1.09 -6.69
C ASP B 53 5.14 1.77 -5.36
N MET B 54 5.48 3.04 -5.24
CA MET B 54 5.01 3.74 -4.07
C MET B 54 3.50 3.93 -4.10
N SER B 55 2.89 3.80 -2.93
CA SER B 55 1.46 3.95 -2.78
C SER B 55 1.24 4.66 -1.45
N PHE B 56 -0.02 4.89 -1.10
CA PHE B 56 -0.34 5.52 0.17
C PHE B 56 -1.56 4.90 0.86
N SER B 57 -1.64 5.12 2.17
CA SER B 57 -2.67 4.52 3.00
C SER B 57 -3.87 5.43 3.11
N LYS B 58 -4.91 4.96 3.80
CA LYS B 58 -6.08 5.76 4.17
C LYS B 58 -5.71 7.10 4.79
N ASP B 59 -4.75 7.10 5.71
CA ASP B 59 -4.33 8.33 6.41
C ASP B 59 -3.41 9.23 5.55
N TRP B 60 -3.18 8.83 4.29
CA TRP B 60 -2.40 9.61 3.29
C TRP B 60 -0.88 9.46 3.39
N SER B 61 -0.39 8.83 4.45
CA SER B 61 1.05 8.55 4.59
C SER B 61 1.48 7.52 3.53
N PHE B 62 2.71 7.67 3.03
CA PHE B 62 3.22 6.79 1.98
C PHE B 62 3.79 5.48 2.51
N TYR B 63 3.75 4.45 1.66
CA TYR B 63 4.43 3.20 1.97
C TYR B 63 5.06 2.59 0.73
N ILE B 64 6.10 1.80 0.96
CA ILE B 64 6.80 1.11 -0.12
C ILE B 64 7.47 -0.14 0.41
N LEU B 65 7.48 -1.18 -0.41
CA LEU B 65 8.16 -2.43 -0.09
C LEU B 65 9.39 -2.63 -0.96
N ALA B 66 10.51 -2.85 -0.29
CA ALA B 66 11.74 -3.27 -0.94
C ALA B 66 12.00 -4.73 -0.59
N HIS B 67 12.58 -5.48 -1.52
CA HIS B 67 12.97 -6.85 -1.25
C HIS B 67 14.17 -7.30 -2.07
N THR B 68 14.92 -8.24 -1.50
CA THR B 68 16.10 -8.76 -2.13
C THR B 68 16.27 -10.24 -1.80
N GLU B 69 16.87 -10.96 -2.72
CA GLU B 69 17.25 -12.34 -2.48
C GLU B 69 18.34 -12.32 -1.39
N PHE B 70 18.26 -13.26 -0.46
CA PHE B 70 19.33 -13.44 0.54
C PHE B 70 19.44 -14.88 1.00
N THR B 71 20.65 -15.25 1.44
CA THR B 71 20.89 -16.54 2.06
C THR B 71 21.44 -16.23 3.45
N PRO B 72 20.61 -16.40 4.50
CA PRO B 72 21.13 -16.15 5.84
C PRO B 72 22.20 -17.19 6.19
N THR B 73 23.24 -16.74 6.88
CA THR B 73 24.26 -17.61 7.45
C THR B 73 24.52 -17.00 8.81
N GLU B 74 25.30 -17.65 9.66
CA GLU B 74 25.62 -17.03 10.95
C GLU B 74 26.91 -16.20 10.94
N THR B 75 27.32 -15.76 9.74
CA THR B 75 28.45 -14.86 9.57
C THR B 75 28.06 -13.56 8.85
N ASP B 76 26.77 -13.40 8.54
CA ASP B 76 26.30 -12.26 7.73
C ASP B 76 25.24 -11.46 8.46
N THR B 77 25.40 -10.14 8.46
CA THR B 77 24.32 -9.25 8.92
C THR B 77 23.57 -8.68 7.71
N TYR B 78 22.30 -8.39 7.93
CA TYR B 78 21.44 -7.72 6.95
C TYR B 78 20.69 -6.57 7.57
N ALA B 79 20.54 -5.50 6.79
CA ALA B 79 19.96 -4.27 7.27
C ALA B 79 19.17 -3.55 6.16
N CYS B 80 18.32 -2.61 6.57
CA CYS B 80 17.65 -1.69 5.66
C CYS B 80 17.94 -0.26 6.09
N ARG B 81 18.50 0.54 5.18
CA ARG B 81 18.89 1.92 5.48
C ARG B 81 18.03 2.89 4.69
N VAL B 82 17.47 3.86 5.41
CA VAL B 82 16.48 4.81 4.85
C VAL B 82 16.93 6.26 5.06
N LYS B 83 16.99 7.00 3.95
CA LYS B 83 17.27 8.44 3.96
C LYS B 83 16.00 9.21 3.58
N HIS B 84 15.66 10.19 4.41
CA HIS B 84 14.42 10.95 4.29
C HIS B 84 14.53 12.33 4.97
N ALA B 85 13.92 13.33 4.34
CA ALA B 85 14.01 14.74 4.79
C ALA B 85 13.60 14.95 6.25
N SER B 86 12.74 14.08 6.76
CA SER B 86 12.25 14.13 8.14
C SER B 86 13.34 13.82 9.18
N MET B 87 14.46 13.26 8.72
CA MET B 87 15.53 12.81 9.62
C MET B 87 16.87 13.45 9.27
N ALA B 88 17.61 13.85 10.32
CA ALA B 88 18.94 14.47 10.17
C ALA B 88 19.96 13.54 9.51
N GLU B 89 19.94 12.27 9.90
CA GLU B 89 20.84 11.22 9.38
C GLU B 89 20.03 10.01 8.86
N PRO B 90 20.64 9.17 8.00
CA PRO B 90 20.01 7.91 7.61
C PRO B 90 19.65 7.02 8.80
N LYS B 91 18.51 6.33 8.69
CA LYS B 91 18.05 5.42 9.73
C LYS B 91 18.23 4.00 9.23
N THR B 92 18.94 3.22 10.02
CA THR B 92 19.25 1.83 9.67
C THR B 92 18.54 0.91 10.66
N VAL B 93 17.85 -0.09 10.11
CA VAL B 93 17.24 -1.14 10.91
C VAL B 93 17.86 -2.46 10.47
N TYR B 94 18.48 -3.16 11.42
CA TYR B 94 19.08 -4.47 11.18
C TYR B 94 18.05 -5.57 11.28
N TRP B 95 18.12 -6.52 10.38
CA TRP B 95 17.32 -7.73 10.45
C TRP B 95 17.70 -8.43 11.75
N ASP B 96 16.69 -8.73 12.58
CA ASP B 96 16.92 -9.26 13.92
C ASP B 96 17.11 -10.79 13.93
N ARG B 97 17.30 -11.35 12.73
CA ARG B 97 17.67 -12.76 12.50
C ARG B 97 16.55 -13.77 12.80
N ASP B 98 15.44 -13.25 13.32
CA ASP B 98 14.25 -14.07 13.63
C ASP B 98 13.12 -13.80 12.64
N MET B 99 12.94 -12.52 12.32
CA MET B 99 11.83 -12.02 11.49
C MET B 99 11.86 -12.54 10.06
C1 NAG C . -24.25 10.98 -9.11
C2 NAG C . -25.31 11.88 -9.78
C3 NAG C . -25.54 13.12 -8.92
C4 NAG C . -25.83 12.76 -7.45
C5 NAG C . -24.84 11.72 -6.91
C6 NAG C . -25.21 11.25 -5.51
C7 NAG C . -25.20 11.54 -12.23
C8 NAG C . -24.82 12.13 -13.56
N2 NAG C . -24.98 12.30 -11.14
O3 NAG C . -26.64 13.84 -9.47
O4 NAG C . -25.82 13.90 -6.59
O5 NAG C . -24.73 10.62 -7.82
O6 NAG C . -24.29 10.25 -5.05
O7 NAG C . -25.67 10.42 -12.17
C1 NAG C . -27.17 14.30 -6.27
C2 NAG C . -27.18 15.08 -4.94
C3 NAG C . -28.57 15.63 -4.64
C4 NAG C . -29.21 16.36 -5.84
C5 NAG C . -29.09 15.53 -7.13
C6 NAG C . -29.57 16.30 -8.36
C7 NAG C . -25.87 14.66 -2.92
C8 NAG C . -25.54 13.67 -1.84
N2 NAG C . -26.75 14.25 -3.83
O3 NAG C . -28.43 16.52 -3.52
O4 NAG C . -30.60 16.66 -5.59
O5 NAG C . -27.72 15.11 -7.32
O6 NAG C . -28.89 15.87 -9.55
O7 NAG C . -25.35 15.77 -2.93
C1 BMA C . -30.76 18.03 -5.19
C2 BMA C . -32.06 18.60 -5.75
C3 BMA C . -32.42 19.97 -5.13
C4 BMA C . -32.23 20.00 -3.60
C5 BMA C . -30.88 19.42 -3.21
C6 BMA C . -30.77 19.29 -1.70
O2 BMA C . -33.12 17.66 -5.53
O3 BMA C . -33.79 20.32 -5.43
O4 BMA C . -32.32 21.34 -3.10
O5 BMA C . -30.73 18.11 -3.76
O6 BMA C . -29.46 18.82 -1.39
C1 MAN C . -33.89 21.33 -6.48
C2 MAN C . -35.30 21.93 -6.46
C3 MAN C . -36.31 20.97 -7.14
C4 MAN C . -35.85 20.50 -8.53
C5 MAN C . -34.42 19.93 -8.45
C6 MAN C . -33.85 19.55 -9.80
O2 MAN C . -35.28 23.21 -7.11
O3 MAN C . -37.62 21.55 -7.18
O4 MAN C . -36.75 19.47 -8.97
O5 MAN C . -33.53 20.87 -7.80
O6 MAN C . -32.64 18.81 -9.60
C1 MAN C . -29.25 18.80 0.03
C2 MAN C . -27.80 18.42 0.33
C3 MAN C . -27.56 16.93 0.07
C4 MAN C . -28.59 16.04 0.78
C5 MAN C . -30.04 16.53 0.62
C6 MAN C . -30.97 15.86 1.64
O2 MAN C . -27.53 18.74 1.70
O3 MAN C . -26.25 16.58 0.51
O4 MAN C . -28.48 14.69 0.27
O5 MAN C . -30.17 17.97 0.77
O6 MAN C . -32.28 16.44 1.58
C1 FUC C . -23.27 10.75 -4.15
C2 FUC C . -22.66 9.56 -3.41
C3 FUC C . -21.90 8.67 -4.43
C4 FUC C . -20.86 9.48 -5.21
C5 FUC C . -21.49 10.75 -5.82
C6 FUC C . -20.50 11.70 -6.49
O2 FUC C . -23.64 8.81 -2.71
O3 FUC C . -21.30 7.56 -3.75
O4 FUC C . -19.82 9.85 -4.30
O5 FUC C . -22.22 11.49 -4.81
C1 NAG D . 13.65 21.47 -9.04
C2 NAG D . 15.13 21.82 -9.30
C3 NAG D . 16.10 20.62 -9.43
C4 NAG D . 15.75 19.39 -8.57
C5 NAG D . 14.24 19.11 -8.68
C6 NAG D . 13.79 17.88 -7.90
C7 NAG D . 15.44 23.93 -10.57
C8 NAG D . 15.48 24.50 -11.95
N2 NAG D . 15.21 22.61 -10.52
O3 NAG D . 17.42 21.03 -9.08
O4 NAG D . 16.55 18.27 -8.99
O5 NAG D . 13.50 20.27 -8.26
O6 NAG D . 13.71 18.18 -6.49
O7 NAG D . 15.61 24.61 -9.57
C1 NAG E . 6.62 13.92 -16.19
C2 NAG E . 7.93 14.67 -16.37
C3 NAG E . 7.75 16.00 -17.10
C4 NAG E . 6.99 15.82 -18.42
C5 NAG E . 5.65 15.14 -18.11
C6 NAG E . 4.81 14.93 -19.37
C7 NAG E . 9.64 14.18 -14.68
C8 NAG E . 10.16 14.58 -13.33
N2 NAG E . 8.58 14.88 -15.09
O3 NAG E . 9.02 16.57 -17.36
O4 NAG E . 6.83 17.08 -19.07
O5 NAG E . 5.87 13.89 -17.44
O6 NAG E . 5.35 13.84 -20.12
O7 NAG E . 10.16 13.29 -15.32
N ELG F . -11.24 18.17 -17.43
C ELG F . -10.58 19.57 -19.36
O ELG F . -9.38 17.98 -10.42
C25 ELG F . -9.92 12.12 -11.17
C24 ELG F . -10.77 13.15 -11.92
C23 ELG F . -10.72 12.88 -13.43
C22 ELG F . -11.96 13.47 -14.09
C21 ELG F . -11.63 13.98 -15.50
C20 ELG F . -11.81 15.50 -15.53
C19 ELG F . -12.13 15.96 -16.95
C30 ELG F . -10.99 16.86 -17.47
O2 ELG F . -9.95 16.35 -17.88
C1 ELG F . -10.27 19.19 -17.90
OC1 ELG F . -11.87 20.18 -19.42
CG1 ELG F . -12.40 20.47 -20.74
OG ELG F . -12.82 19.26 -21.47
CG ELG F . -13.90 18.51 -20.83
CG5 ELG F . -14.18 17.20 -21.60
OG6 ELG F . -12.93 16.57 -21.88
CG4 ELG F . -15.19 19.38 -20.69
OG5 ELG F . -15.83 19.63 -21.95
CG3 ELG F . -14.84 20.73 -20.00
OG4 ELG F . -15.96 21.61 -20.05
CG2 ELG F . -13.60 21.44 -20.61
OG3 ELG F . -13.25 22.54 -19.77
C2 ELG F . -10.24 20.47 -16.99
O1 ELG F . -9.15 21.32 -17.39
C3 ELG F . -10.20 20.21 -15.45
O32 ELG F . -10.27 21.47 -14.77
C4 ELG F . -8.97 19.40 -15.01
C5 ELG F . -8.63 19.70 -13.55
C6 ELG F . -8.74 18.43 -12.68
C7 ELG F . -8.84 18.78 -11.19
N1 ELG F . -8.24 19.95 -10.85
C18 ELG F . -8.26 20.53 -9.64
C13 ELG F . -8.23 19.86 -8.39
C17 ELG F . -8.29 21.94 -9.66
C16 ELG F . -8.31 22.69 -8.48
C15 ELG F . -8.30 22.03 -7.26
C14 ELG F . -8.25 20.63 -7.20
C8 ELG F . -8.23 19.95 -5.96
C9 ELG F . -7.49 20.73 -4.85
C10 ELG F . -5.97 20.52 -4.95
C11 ELG F . -5.27 21.33 -3.85
C12 ELG F . -4.41 22.43 -4.49
C1 PLM G . -5.56 8.88 -11.87
O1 PLM G . -6.49 9.37 -11.20
O2 PLM G . -4.70 9.53 -12.51
C2 PLM G . -5.46 7.34 -11.91
C3 PLM G . -5.28 6.85 -13.35
C4 PLM G . -5.52 5.35 -13.47
C5 PLM G . -6.94 5.13 -14.00
C6 PLM G . -7.05 3.74 -14.61
C7 PLM G . -8.07 2.91 -13.82
C8 PLM G . -9.39 2.79 -14.61
C9 PLM G . -10.42 3.71 -13.99
CA PLM G . -11.83 3.32 -14.43
CB PLM G . -12.77 3.31 -13.23
CC PLM G . -13.37 4.70 -13.02
CD PLM G . -12.92 5.26 -11.67
CE PLM G . -13.02 6.78 -11.73
CF PLM G . -12.18 7.42 -10.64
CG PLM G . -11.95 8.89 -10.99
#